data_8PDF
#
_entry.id   8PDF
#
_cell.length_a   65.993
_cell.length_b   36.506
_cell.length_c   44.217
_cell.angle_alpha   90.000
_cell.angle_beta   102.186
_cell.angle_gamma   90.000
#
_symmetry.space_group_name_H-M   'C 1 2 1'
#
loop_
_entity.id
_entity.type
_entity.pdbx_description
1 polymer 'Peptidyl-prolyl cis-trans isomerase FKBP1A'
2 non-polymer (2~{S},4~{R})-1-[(2~{S})-2-[2-[2-[2-[4-[(1~{S})-1-[(1~{S},5~{S},6~{R})-10-[3,5-bis(chloranyl)phenyl]sulfonyl-5-ethenyl-2-oxidanylidene-3,10-diazabicyclo[4.3.1]decan-3-yl]ethyl]-1,2,3-triazol-1-yl]ethoxy]ethoxy]ethanoylamino]-3,3-dimethyl-butanoyl]-~{N}-[[4-(4-methyl-1,3-thiazol-5-yl)phenyl]methyl]-4-oxidanyl-pyrrolidine-2-carboxamide
3 water water
#
_entity_poly.entity_id   1
_entity_poly.type   'polypeptide(L)'
_entity_poly.pdbx_seq_one_letter_code
;GVQVETISPGDGRTFPKRGQTVVVHYTGMLEDGKKFDSSRDRNKPFKFMLGKQEVIRGWEEGVAQMSVGQRAKLTISPDY
AYGATGHPGIIPPHATLVFDVELLKLE
;
_entity_poly.pdbx_strand_id   A
#
loop_
_chem_comp.id
_chem_comp.type
_chem_comp.name
_chem_comp.formula
Y5Q non-polymer (2~{S},4~{R})-1-[(2~{S})-2-[2-[2-[2-[4-[(1~{S})-1-[(1~{S},5~{S},6~{R})-10-[3,5-bis(chloranyl)phenyl]sulfonyl-5-ethenyl-2-oxidanylidene-3,10-diazabicyclo[4.3.1]decan-3-yl]ethyl]-1,2,3-triazol-1-yl]ethoxy]ethoxy]ethanoylamino]-3,3-dimethyl-butanoyl]-~{N}-[[4-(4-methyl-1,3-thiazol-5-yl)phenyl]methyl]-4-oxidanyl-pyrrolidine-2-carboxamide 'C48 H61 Cl2 N9 O9 S2'
#
# COMPACT_ATOMS: atom_id res chain seq x y z
N GLY A 1 9.13 4.16 9.11
CA GLY A 1 7.72 4.56 8.92
C GLY A 1 7.20 4.32 7.51
N VAL A 2 6.17 5.09 7.11
CA VAL A 2 5.67 5.06 5.75
C VAL A 2 5.66 6.49 5.23
N GLN A 3 6.28 6.69 4.06
CA GLN A 3 6.29 7.94 3.34
C GLN A 3 5.36 7.79 2.15
N VAL A 4 4.61 8.84 1.86
CA VAL A 4 3.66 8.88 0.77
C VAL A 4 4.00 10.04 -0.18
N GLU A 5 4.26 9.72 -1.45
CA GLU A 5 4.55 10.71 -2.49
C GLU A 5 3.54 10.64 -3.62
N THR A 6 3.01 11.77 -4.02
CA THR A 6 2.04 11.83 -5.08
C THR A 6 2.68 11.58 -6.45
N ILE A 7 2.06 10.67 -7.18
CA ILE A 7 2.34 10.50 -8.61
C ILE A 7 1.25 11.18 -9.43
N SER A 8 -0.03 11.03 -9.03
CA SER A 8 -1.13 11.75 -9.62
C SER A 8 -2.07 12.16 -8.49
N PRO A 9 -2.51 13.44 -8.41
CA PRO A 9 -3.36 13.85 -7.31
C PRO A 9 -4.73 13.20 -7.31
N GLY A 10 -5.24 12.98 -6.09
CA GLY A 10 -6.63 12.62 -5.89
C GLY A 10 -7.50 13.86 -5.78
N ASP A 11 -8.65 13.70 -5.13
CA ASP A 11 -9.56 14.83 -4.98
C ASP A 11 -9.12 15.78 -3.85
N GLY A 12 -8.15 15.38 -3.03
CA GLY A 12 -7.57 16.20 -1.98
C GLY A 12 -8.41 16.24 -0.69
N ARG A 13 -9.55 15.57 -0.66
CA ARG A 13 -10.49 15.76 0.43
C ARG A 13 -11.14 14.47 0.95
N THR A 14 -11.17 13.42 0.13
CA THR A 14 -11.87 12.21 0.54
C THR A 14 -10.86 11.13 0.93
N PHE A 15 -10.64 11.02 2.24
CA PHE A 15 -9.64 10.15 2.84
C PHE A 15 -10.33 8.94 3.45
N PRO A 16 -9.72 7.74 3.39
CA PRO A 16 -10.33 6.56 3.98
C PRO A 16 -10.61 6.71 5.47
N LYS A 17 -11.78 6.21 5.90
CA LYS A 17 -12.14 6.25 7.30
C LYS A 17 -12.21 4.82 7.85
N ARG A 18 -11.95 4.70 9.14
CA ARG A 18 -12.04 3.44 9.84
C ARG A 18 -13.37 2.76 9.54
N GLY A 19 -13.29 1.50 9.13
CA GLY A 19 -14.42 0.66 8.81
C GLY A 19 -14.86 0.69 7.33
N GLN A 20 -14.33 1.63 6.52
CA GLN A 20 -14.65 1.60 5.10
C GLN A 20 -13.81 0.54 4.39
N THR A 21 -14.38 0.02 3.30
CA THR A 21 -13.66 -0.82 2.37
C THR A 21 -12.95 0.05 1.34
N VAL A 22 -11.65 -0.16 1.30
CA VAL A 22 -10.73 0.58 0.47
C VAL A 22 -10.42 -0.27 -0.76
N VAL A 23 -10.61 0.33 -1.94
CA VAL A 23 -10.47 -0.34 -3.21
C VAL A 23 -9.31 0.26 -3.98
N VAL A 24 -8.27 -0.54 -4.27
CA VAL A 24 -7.04 -0.03 -4.89
C VAL A 24 -6.59 -0.90 -6.05
N HIS A 25 -5.69 -0.36 -6.88
CA HIS A 25 -4.75 -1.16 -7.65
C HIS A 25 -3.36 -0.88 -7.11
N TYR A 26 -2.51 -1.91 -7.10
CA TYR A 26 -1.17 -1.77 -6.56
C TYR A 26 -0.16 -2.62 -7.33
N THR A 27 1.08 -2.18 -7.25
CA THR A 27 2.27 -2.96 -7.55
C THR A 27 3.22 -2.81 -6.38
N GLY A 28 3.77 -3.92 -5.90
CA GLY A 28 4.79 -3.97 -4.87
C GLY A 28 6.14 -4.37 -5.43
N MET A 29 7.17 -3.65 -4.97
CA MET A 29 8.54 -3.79 -5.43
C MET A 29 9.47 -3.84 -4.23
N LEU A 30 10.51 -4.68 -4.36
CA LEU A 30 11.61 -4.72 -3.42
C LEU A 30 12.51 -3.54 -3.67
N GLU A 31 13.48 -3.40 -2.76
CA GLU A 31 14.53 -2.41 -2.83
C GLU A 31 15.48 -2.67 -4.01
N ASP A 32 15.58 -3.93 -4.48
CA ASP A 32 16.39 -4.26 -5.65
C ASP A 32 15.67 -3.81 -6.92
N GLY A 33 14.42 -3.32 -6.79
CA GLY A 33 13.58 -2.86 -7.89
C GLY A 33 12.64 -3.93 -8.48
N LYS A 34 12.71 -5.17 -8.02
CA LYS A 34 11.95 -6.28 -8.56
C LYS A 34 10.50 -6.30 -8.06
N LYS A 35 9.54 -6.44 -8.99
CA LYS A 35 8.12 -6.56 -8.69
C LYS A 35 7.85 -7.94 -8.08
N PHE A 36 7.16 -7.99 -6.95
CA PHE A 36 6.80 -9.26 -6.33
C PHE A 36 5.29 -9.50 -6.34
N ASP A 37 4.49 -8.46 -6.59
CA ASP A 37 3.05 -8.62 -6.65
C ASP A 37 2.45 -7.42 -7.32
N SER A 38 1.30 -7.66 -7.97
CA SER A 38 0.50 -6.59 -8.53
C SER A 38 -0.92 -7.04 -8.74
N SER A 39 -1.91 -6.22 -8.42
CA SER A 39 -3.31 -6.45 -8.74
C SER A 39 -3.59 -6.21 -10.22
N ARG A 40 -2.70 -5.49 -10.92
CA ARG A 40 -3.02 -5.01 -12.25
C ARG A 40 -3.03 -6.16 -13.25
N ASP A 41 -2.23 -7.18 -12.97
CA ASP A 41 -2.15 -8.37 -13.82
C ASP A 41 -3.48 -9.11 -13.84
N ARG A 42 -4.17 -9.07 -12.69
CA ARG A 42 -5.40 -9.81 -12.46
C ARG A 42 -6.60 -9.10 -13.08
N ASN A 43 -6.47 -7.81 -13.44
CA ASN A 43 -7.63 -7.00 -13.81
C ASN A 43 -8.75 -7.17 -12.78
N LYS A 44 -8.44 -6.96 -11.50
CA LYS A 44 -9.42 -7.00 -10.43
C LYS A 44 -8.81 -6.21 -9.27
N PRO A 45 -9.44 -5.12 -8.82
CA PRO A 45 -8.86 -4.37 -7.73
C PRO A 45 -8.81 -5.19 -6.45
N PHE A 46 -7.90 -4.76 -5.59
CA PHE A 46 -7.75 -5.31 -4.26
C PHE A 46 -8.56 -4.47 -3.27
N LYS A 47 -9.21 -5.17 -2.35
CA LYS A 47 -10.05 -4.54 -1.34
C LYS A 47 -9.62 -4.94 0.05
N PHE A 48 -9.64 -3.99 0.98
CA PHE A 48 -9.40 -4.28 2.39
C PHE A 48 -10.23 -3.31 3.20
N MET A 49 -10.53 -3.71 4.44
CA MET A 49 -11.28 -2.84 5.32
C MET A 49 -10.33 -2.13 6.29
N LEU A 50 -10.32 -0.79 6.23
CA LEU A 50 -9.44 -0.04 7.11
C LEU A 50 -9.81 -0.23 8.59
N GLY A 51 -8.78 -0.60 9.39
CA GLY A 51 -8.95 -0.76 10.81
C GLY A 51 -8.93 -2.23 11.21
N LYS A 52 -9.10 -3.09 10.21
CA LYS A 52 -9.06 -4.51 10.50
C LYS A 52 -7.62 -5.03 10.61
N GLN A 53 -6.62 -4.21 10.29
CA GLN A 53 -5.22 -4.63 10.35
C GLN A 53 -5.07 -5.92 9.54
N GLU A 54 -5.74 -6.00 8.37
CA GLU A 54 -5.66 -7.15 7.46
C GLU A 54 -4.75 -6.87 6.26
N VAL A 55 -3.97 -5.80 6.41
CA VAL A 55 -2.87 -5.49 5.54
C VAL A 55 -1.77 -4.98 6.46
N ILE A 56 -0.53 -4.94 5.97
CA ILE A 56 0.59 -4.49 6.79
C ILE A 56 0.38 -3.04 7.28
N ARG A 57 1.10 -2.69 8.36
CA ARG A 57 0.90 -1.42 9.02
C ARG A 57 1.09 -0.25 8.04
N GLY A 58 2.13 -0.32 7.19
CA GLY A 58 2.42 0.79 6.30
C GLY A 58 1.27 1.01 5.32
N TRP A 59 0.52 -0.04 4.96
CA TRP A 59 -0.67 0.15 4.16
C TRP A 59 -1.78 0.78 4.99
N GLU A 60 -2.04 0.27 6.20
CA GLU A 60 -3.13 0.78 7.01
C GLU A 60 -2.94 2.28 7.21
N GLU A 61 -1.70 2.72 7.49
CA GLU A 61 -1.37 4.12 7.74
C GLU A 61 -1.14 4.91 6.47
N GLY A 62 -0.48 4.31 5.47
CA GLY A 62 -0.15 5.04 4.26
C GLY A 62 -1.34 5.25 3.35
N VAL A 63 -2.16 4.22 3.11
CA VAL A 63 -3.29 4.39 2.22
C VAL A 63 -4.31 5.33 2.88
N ALA A 64 -4.37 5.38 4.24
CA ALA A 64 -5.25 6.32 4.89
C ALA A 64 -4.85 7.78 4.64
N GLN A 65 -3.62 8.01 4.18
N GLN A 65 -3.61 8.00 4.19
CA GLN A 65 -3.13 9.34 3.88
CA GLN A 65 -3.09 9.33 3.86
C GLN A 65 -3.37 9.75 2.44
C GLN A 65 -3.41 9.77 2.44
N MET A 66 -4.04 8.88 1.66
CA MET A 66 -4.34 9.15 0.26
C MET A 66 -5.78 9.62 0.13
N SER A 67 -6.05 10.47 -0.87
CA SER A 67 -7.39 10.85 -1.20
C SER A 67 -7.87 10.06 -2.42
N VAL A 68 -9.18 9.94 -2.58
CA VAL A 68 -9.76 9.12 -3.65
C VAL A 68 -9.30 9.68 -4.99
N GLY A 69 -8.80 8.76 -5.84
CA GLY A 69 -8.33 9.06 -7.16
C GLY A 69 -6.82 9.23 -7.20
N GLN A 70 -6.18 9.33 -6.02
CA GLN A 70 -4.75 9.57 -5.97
C GLN A 70 -4.02 8.29 -6.39
N ARG A 71 -2.89 8.50 -7.05
CA ARG A 71 -1.88 7.46 -7.26
C ARG A 71 -0.65 7.94 -6.52
N ALA A 72 -0.07 7.05 -5.70
CA ALA A 72 0.99 7.45 -4.80
C ALA A 72 2.04 6.35 -4.75
N LYS A 73 3.26 6.80 -4.45
CA LYS A 73 4.35 5.91 -4.09
C LYS A 73 4.46 5.87 -2.57
N LEU A 74 4.31 4.65 -2.04
CA LEU A 74 4.50 4.37 -0.62
C LEU A 74 5.87 3.72 -0.42
N THR A 75 6.68 4.30 0.45
CA THR A 75 7.93 3.70 0.87
C THR A 75 7.75 3.30 2.32
N ILE A 76 7.88 2.01 2.59
CA ILE A 76 7.56 1.43 3.89
C ILE A 76 8.79 0.76 4.49
N SER A 77 9.16 1.16 5.71
CA SER A 77 10.30 0.59 6.39
C SER A 77 9.92 -0.80 6.91
N PRO A 78 10.93 -1.64 7.19
CA PRO A 78 10.66 -3.03 7.54
C PRO A 78 9.76 -3.20 8.75
N ASP A 79 9.85 -2.28 9.71
CA ASP A 79 9.05 -2.40 10.92
C ASP A 79 7.58 -2.08 10.66
N TYR A 80 7.26 -1.50 9.50
CA TYR A 80 5.88 -1.23 9.06
C TYR A 80 5.46 -2.23 7.97
N ALA A 81 6.26 -3.29 7.76
CA ALA A 81 5.95 -4.30 6.76
C ALA A 81 6.18 -5.69 7.38
N TYR A 82 7.20 -6.44 6.96
CA TYR A 82 7.37 -7.83 7.42
C TYR A 82 8.56 -8.02 8.36
N GLY A 83 9.18 -6.92 8.80
CA GLY A 83 10.10 -6.95 9.92
C GLY A 83 11.37 -7.77 9.71
N ALA A 84 11.92 -8.26 10.82
CA ALA A 84 13.19 -8.95 10.82
C ALA A 84 13.10 -10.19 9.94
N THR A 85 11.99 -10.92 10.03
CA THR A 85 11.94 -12.21 9.35
C THR A 85 11.58 -12.12 7.87
N GLY A 86 10.84 -11.08 7.47
CA GLY A 86 10.33 -11.07 6.12
C GLY A 86 9.31 -12.17 5.88
N HIS A 87 9.18 -12.61 4.63
CA HIS A 87 8.29 -13.69 4.26
C HIS A 87 9.08 -14.59 3.33
N PRO A 88 9.68 -15.68 3.87
CA PRO A 88 10.68 -16.44 3.13
C PRO A 88 10.26 -16.78 1.71
N GLY A 89 11.19 -16.53 0.78
CA GLY A 89 10.97 -16.81 -0.62
C GLY A 89 10.32 -15.67 -1.39
N ILE A 90 9.81 -14.64 -0.68
CA ILE A 90 9.11 -13.53 -1.33
C ILE A 90 9.69 -12.20 -0.84
N ILE A 91 9.64 -11.96 0.47
CA ILE A 91 10.10 -10.70 1.05
C ILE A 91 11.35 -10.98 1.87
N PRO A 92 12.53 -10.36 1.56
CA PRO A 92 13.73 -10.56 2.34
C PRO A 92 13.59 -10.15 3.81
N PRO A 93 14.47 -10.68 4.70
CA PRO A 93 14.61 -10.13 6.06
C PRO A 93 14.85 -8.63 6.01
N HIS A 94 14.21 -7.89 6.92
N HIS A 94 14.18 -7.90 6.90
CA HIS A 94 14.45 -6.46 7.10
CA HIS A 94 14.40 -6.48 7.09
C HIS A 94 14.33 -5.69 5.78
C HIS A 94 14.33 -5.70 5.78
N ALA A 95 13.24 -5.89 5.03
CA ALA A 95 13.07 -5.29 3.72
C ALA A 95 12.25 -4.00 3.77
N THR A 96 12.77 -2.97 3.13
CA THR A 96 11.98 -1.80 2.78
C THR A 96 11.18 -2.10 1.52
N LEU A 97 9.88 -1.80 1.53
CA LEU A 97 9.01 -2.10 0.41
C LEU A 97 8.55 -0.81 -0.24
N VAL A 98 8.40 -0.83 -1.58
CA VAL A 98 7.92 0.30 -2.32
C VAL A 98 6.66 -0.14 -3.05
N PHE A 99 5.55 0.60 -2.88
CA PHE A 99 4.34 0.30 -3.58
C PHE A 99 3.93 1.50 -4.42
N ASP A 100 3.39 1.19 -5.60
CA ASP A 100 2.69 2.11 -6.46
C ASP A 100 1.23 1.78 -6.25
N VAL A 101 0.48 2.67 -5.63
CA VAL A 101 -0.89 2.44 -5.19
C VAL A 101 -1.82 3.49 -5.80
N GLU A 102 -2.95 3.05 -6.39
CA GLU A 102 -3.99 3.96 -6.87
C GLU A 102 -5.26 3.72 -6.06
N LEU A 103 -5.70 4.74 -5.31
CA LEU A 103 -6.92 4.66 -4.51
C LEU A 103 -8.12 4.89 -5.42
N LEU A 104 -8.85 3.83 -5.77
CA LEU A 104 -9.90 3.89 -6.77
C LEU A 104 -11.22 4.37 -6.14
N LYS A 105 -11.59 3.81 -4.98
CA LYS A 105 -12.89 4.09 -4.41
C LYS A 105 -12.93 3.65 -2.94
N LEU A 106 -13.96 4.16 -2.24
CA LEU A 106 -14.29 3.78 -0.87
C LEU A 106 -15.74 3.33 -0.85
N GLU A 107 -15.97 2.19 -0.17
CA GLU A 107 -17.24 1.46 -0.15
C GLU A 107 -17.57 1.02 1.29
CCI Y5Q B . -1.17 -7.96 7.98
CCH Y5Q B . -0.31 -9.16 8.13
NCJ Y5Q B . 0.92 -8.92 8.60
CCK Y5Q B . 1.67 -10.00 8.69
SCL Y5Q B . 0.68 -11.44 8.18
CCG Y5Q B . -0.67 -10.44 7.85
CCD Y5Q B . -1.84 -10.97 7.39
CCE Y5Q B . -3.01 -10.22 7.26
CCF Y5Q B . -4.23 -10.74 6.77
CCC Y5Q B . -1.95 -12.25 6.95
CCB Y5Q B . -3.14 -12.77 6.40
CCA Y5Q B . -4.32 -12.03 6.28
CBZ Y5Q B . -5.53 -12.54 5.70
NBY Y5Q B . -5.67 -12.13 4.23
CBW Y5Q B . -5.83 -12.98 3.14
OBX Y5Q B . -5.83 -14.22 3.28
CBV Y5Q B . -5.89 -12.34 1.79
CBU Y5Q B . -7.23 -12.17 1.20
CBS Y5Q B . -7.07 -12.29 -0.34
OBT Y5Q B . -6.62 -11.06 -0.92
CBR Y5Q B . -6.01 -13.37 -0.52
NBQ Y5Q B . -5.16 -13.12 0.69
CBO Y5Q B . -3.92 -13.47 0.94
OBP Y5Q B . -3.29 -13.13 1.94
CBN Y5Q B . -3.22 -14.40 -0.12
CCM Y5Q B . -3.19 -15.90 0.35
CCO Y5Q B . -2.50 -16.76 -0.75
CCP Y5Q B . -2.37 -16.09 1.62
CCN Y5Q B . -4.64 -16.36 0.54
NBM Y5Q B . -1.86 -13.89 -0.31
CBK Y5Q B . -1.41 -13.45 -1.53
OBL Y5Q B . -2.15 -13.36 -2.51
CBJ Y5Q B . 0.00 -12.93 -1.61
OBI Y5Q B . 0.68 -13.13 -0.39
CBH Y5Q B . 1.29 -14.40 -0.31
CBG Y5Q B . 1.83 -14.58 1.09
OBF Y5Q B . 0.70 -14.53 1.97
CBE Y5Q B . 1.09 -14.79 3.32
CBD Y5Q B . 0.06 -14.25 4.25
NBC Y5Q B . 0.00 -12.78 4.16
CBB Y5Q B . -1.05 -12.02 3.73
NCQ Y5Q B . 1.02 -12.03 4.54
NCR Y5Q B . 0.60 -10.74 4.32
CBA Y5Q B . -0.63 -10.73 3.86
CAB Y5Q B . -1.43 -9.45 3.57
CAA Y5Q B . -2.87 -9.72 3.34
NAC Y5Q B . -0.74 -8.72 2.45
C Y5Q B . -0.36 -7.43 2.62
O Y5Q B . -0.54 -6.87 3.75
CAD Y5Q B . -0.69 -9.45 1.19
CAE Y5Q B . -1.48 -8.73 0.08
CAF Y5Q B . -1.89 -9.72 -1.06
CAG Y5Q B . -3.18 -10.30 -1.02
CAH Y5Q B . -0.60 -7.65 -0.54
CAI Y5Q B . -1.49 -6.35 -0.81
CAJ Y5Q B . -1.71 -5.57 0.56
CB Y5Q B . -0.44 -5.36 1.34
CA Y5Q B . 0.31 -6.67 1.61
N Y5Q B . 0.54 -7.32 0.30
SAN Y5Q B . 2.04 -7.34 -0.36
OAO Y5Q B . 1.92 -6.88 -1.74
OAP Y5Q B . 2.96 -6.71 0.53
CAQ Y5Q B . 2.53 -9.04 -0.43
CAR Y5Q B . 2.43 -9.73 -1.64
CAS Y5Q B . 2.95 -11.03 -1.68
CLAT Y5Q B . 2.96 -11.92 -3.11
CAU Y5Q B . 3.50 -11.61 -0.58
CAV Y5Q B . 3.55 -10.93 0.65
CLAW Y5Q B . 4.21 -11.67 2.02
CAX Y5Q B . 3.13 -9.63 0.67
HCI Y5Q B . -1.57 -7.91 6.97
HCJ Y5Q B . -0.56 -7.08 8.15
HCK Y5Q B . -1.96 -7.98 8.72
HCL Y5Q B . 2.71 -10.03 9.05
HCE Y5Q B . -3.07 -9.20 7.58
HCF Y5Q B . -5.09 -10.08 6.69
HCC Y5Q B . -1.08 -12.91 6.97
HCB Y5Q B . -3.13 -13.81 6.06
HCA Y5Q B . -5.54 -13.58 5.68
HBZ Y5Q B . -6.38 -12.15 6.15
HBY Y5Q B . -5.65 -11.14 4.11
HBV Y5Q B . -5.44 -11.35 1.85
HBU Y5Q B . -7.90 -12.95 1.57
HB9 Y5Q B . -7.62 -11.19 1.46
HBS Y5Q B . -8.01 -12.60 -0.79
HBT Y5Q B . -5.72 -11.21 -1.33
HB8 Y5Q B . -6.36 -14.34 -0.38
HBR Y5Q B . -5.37 -13.22 -1.32
HBN Y5Q B . -3.74 -14.36 -1.06
HCS Y5Q B . -2.99 -17.73 -0.83
HCQ Y5Q B . -1.44 -16.91 -0.53
HCR Y5Q B . -2.57 -16.25 -1.72
HCV Y5Q B . -1.58 -16.82 1.47
HCT Y5Q B . -3.02 -16.45 2.42
HCU Y5Q B . -1.92 -15.16 1.95
HCN Y5Q B . -4.69 -17.46 0.50
HCO Y5Q B . -5.26 -15.94 -0.24
HCP Y5Q B . -5.00 -16.03 1.53
HBM Y5Q B . -1.23 -13.90 0.46
HBJ Y5Q B . 0.02 -11.88 -1.54
HB7 Y5Q B . 0.63 -13.38 -2.30
HB6 Y5Q B . 0.62 -15.20 -0.37
HBH Y5Q B . 2.15 -14.52 -0.92
HB5 Y5Q B . 2.24 -15.52 1.31
HBG Y5Q B . 2.39 -13.76 1.45
HB4 Y5Q B . 1.09 -15.80 3.58
HBE Y5Q B . 1.95 -14.28 3.63
HBD Y5Q B . 0.31 -14.37 5.25
HB3 Y5Q B . -0.92 -14.51 4.00
HBB Y5Q B . -2.02 -12.39 3.41
HAD Y5Q B . -1.38 -8.86 4.48
HAA Y5Q B . -3.02 -10.67 2.81
HAB Y5Q B . -3.29 -8.92 2.74
HAC Y5Q B . -3.37 -9.77 4.31
HAE Y5Q B . -1.16 -10.44 1.31
HAF Y5Q B . 0.34 -9.61 0.89
HAG Y5Q B . -2.37 -8.29 0.52
HAH Y5Q B . -1.20 -9.96 -1.86
HAI Y5Q B . -3.84 -10.03 -0.19
HAJ Y5Q B . -3.45 -10.99 -1.82
HAK Y5Q B . -0.23 -8.01 -1.50
HAM Y5Q B . -2.51 -6.51 -0.99
HAL Y5Q B . -1.03 -5.59 -1.39
HAN Y5Q B . -2.42 -6.12 1.17
HAO Y5Q B . -2.14 -4.60 0.34
HB2 Y5Q B . 0.22 -4.71 0.76
HB1 Y5Q B . -0.67 -4.86 2.28
HA Y5Q B . 1.27 -6.40 2.04
HAR Y5Q B . 2.08 -9.23 -2.53
HAU Y5Q B . 3.85 -12.64 -0.64
HAX Y5Q B . 3.15 -9.09 1.61
#